data_3UTQ
#
_entry.id   3UTQ
#
_cell.length_a   53.100
_cell.length_b   81.150
_cell.length_c   56.550
_cell.angle_alpha   90.000
_cell.angle_beta   112.870
_cell.angle_gamma   90.000
#
_symmetry.space_group_name_H-M   'P 1 21 1'
#
loop_
_entity.id
_entity.type
_entity.pdbx_description
1 polymer 'HLA class I histocompatibility antigen, A-2 alpha chain'
2 polymer Beta-2-microglobulin
3 polymer Insulin
4 water water
#
loop_
_entity_poly.entity_id
_entity_poly.type
_entity_poly.pdbx_seq_one_letter_code
_entity_poly.pdbx_strand_id
1 'polypeptide(L)'
;GSHSMRYFFTSVSRPGRGEPRFIAVGYVDDTQFVRFDSDAASQRMEPRAPWIEQEGPEYWDGETRKVKAHSQTHRVDLGT
LRGYYNQSEAGSHTVQRMYGCDVGSDWRFLRGYHQYAYDGKDYIALKEDLRSWTAADMAAQTTKHKWEAAHVAEQLRAYL
EGTCVEWLRRYLENGKETLQRTDAPKTHMTHHAVSDHEATLRCWALSFYPAEITLTWQRDGEDQTQDTELVETRPAGDGT
FQKWAAVVVPSGQEQRYTCHVQHEGLPKPLTLRWEP
;
A
2 'polypeptide(L)'
;MIQRTPKIQVYSRHPAENGKSNFLNCYVSGFHPSDIEVDLLKNGERIEKVEHSDLSFSKDWSFYLLYYTEFTPTEKDEYA
CRVNHVTLSQPKIVKWDRDM
;
B
3 'polypeptide(L)' ALWGPDPAAA C
#
# COMPACT_ATOMS: atom_id res chain seq x y z
N GLY A 1 12.49 8.88 14.17
CA GLY A 1 12.70 7.42 14.10
C GLY A 1 13.27 7.04 12.73
N SER A 2 13.02 5.80 12.34
CA SER A 2 13.47 5.26 11.08
C SER A 2 12.66 5.79 9.88
N HIS A 3 13.27 5.69 8.73
CA HIS A 3 12.69 6.15 7.49
C HIS A 3 13.09 5.23 6.32
N SER A 4 12.37 5.40 5.22
CA SER A 4 12.58 4.65 4.04
C SER A 4 12.12 5.36 2.79
N MET A 5 12.73 5.00 1.67
CA MET A 5 12.34 5.50 0.31
C MET A 5 12.18 4.21 -0.46
N ARG A 6 11.04 4.06 -1.09
CA ARG A 6 10.75 2.85 -1.86
C ARG A 6 9.98 3.19 -3.12
N TYR A 7 10.36 2.52 -4.21
CA TYR A 7 9.65 2.65 -5.49
C TYR A 7 9.06 1.32 -5.88
N PHE A 8 7.79 1.39 -6.38
CA PHE A 8 7.00 0.22 -6.79
C PHE A 8 6.66 0.38 -8.26
N PHE A 9 6.74 -0.69 -9.02
CA PHE A 9 6.49 -0.66 -10.42
C PHE A 9 5.72 -1.92 -10.80
N THR A 10 4.68 -1.72 -11.62
CA THR A 10 3.82 -2.79 -12.15
C THR A 10 3.61 -2.66 -13.62
N SER A 11 3.94 -3.72 -14.40
CA SER A 11 3.70 -3.75 -15.87
C SER A 11 2.81 -4.95 -16.15
N VAL A 12 1.71 -4.74 -16.87
CA VAL A 12 0.75 -5.74 -17.26
C VAL A 12 0.66 -5.74 -18.78
N SER A 13 1.01 -6.88 -19.40
CA SER A 13 0.98 -7.00 -20.87
C SER A 13 -0.43 -6.92 -21.45
N ARG A 14 -0.52 -6.39 -22.68
CA ARG A 14 -1.77 -6.22 -23.47
C ARG A 14 -1.47 -6.93 -24.78
N PRO A 15 -1.56 -8.26 -24.70
CA PRO A 15 -1.25 -9.14 -25.87
C PRO A 15 -1.94 -8.78 -27.22
N GLY A 16 -3.17 -8.29 -27.24
CA GLY A 16 -3.70 -8.00 -28.52
C GLY A 16 -3.23 -6.78 -29.29
N ARG A 17 -2.71 -5.80 -28.58
CA ARG A 17 -2.26 -4.58 -29.24
C ARG A 17 -1.58 -3.64 -28.31
N GLY A 18 -0.35 -3.28 -28.68
CA GLY A 18 0.39 -2.29 -27.92
C GLY A 18 1.28 -2.70 -26.81
N GLU A 19 1.79 -1.69 -26.14
CA GLU A 19 2.72 -1.83 -25.04
C GLU A 19 1.97 -2.11 -23.72
N PRO A 20 2.69 -2.57 -22.74
CA PRO A 20 2.05 -2.84 -21.45
C PRO A 20 1.57 -1.63 -20.68
N ARG A 21 0.65 -1.87 -19.74
CA ARG A 21 0.17 -0.80 -18.84
C ARG A 21 1.27 -0.75 -17.79
N PHE A 22 1.88 0.43 -17.55
CA PHE A 22 2.96 0.58 -16.59
C PHE A 22 2.59 1.66 -15.61
N ILE A 23 2.67 1.31 -14.33
CA ILE A 23 2.37 2.24 -13.22
C ILE A 23 3.55 2.18 -12.25
N ALA A 24 4.14 3.34 -12.00
CA ALA A 24 5.27 3.48 -11.09
C ALA A 24 4.85 4.47 -10.00
N VAL A 25 5.22 4.15 -8.77
CA VAL A 25 4.89 5.04 -7.62
C VAL A 25 6.08 5.11 -6.70
N GLY A 26 6.36 6.29 -6.16
CA GLY A 26 7.46 6.43 -5.23
C GLY A 26 6.92 6.97 -3.89
N TYR A 27 7.45 6.41 -2.80
CA TYR A 27 7.14 6.78 -1.44
C TYR A 27 8.31 7.15 -0.57
N VAL A 28 8.09 8.07 0.37
CA VAL A 28 9.04 8.40 1.42
C VAL A 28 8.14 7.93 2.66
N ASP A 29 8.59 6.92 3.41
CA ASP A 29 7.78 6.41 4.51
C ASP A 29 6.41 5.98 3.95
N ASP A 30 5.33 6.52 4.51
CA ASP A 30 3.97 6.20 4.08
C ASP A 30 3.37 7.29 3.24
N THR A 31 4.22 8.10 2.62
CA THR A 31 3.78 9.22 1.81
C THR A 31 4.19 9.10 0.35
N GLN A 32 3.18 8.96 -0.49
CA GLN A 32 3.40 8.89 -1.93
C GLN A 32 3.91 10.27 -2.36
N PHE A 33 4.99 10.32 -3.16
CA PHE A 33 5.56 11.63 -3.65
C PHE A 33 5.64 11.82 -5.19
N VAL A 34 5.68 10.72 -5.92
CA VAL A 34 5.75 10.77 -7.35
C VAL A 34 4.97 9.60 -7.97
N ARG A 35 4.56 9.78 -9.22
CA ARG A 35 3.86 8.69 -9.97
C ARG A 35 4.06 8.86 -11.47
N PHE A 36 3.94 7.74 -12.16
CA PHE A 36 4.01 7.68 -13.62
C PHE A 36 2.97 6.65 -14.05
N ASP A 37 2.08 7.03 -14.95
CA ASP A 37 1.08 6.08 -15.40
C ASP A 37 1.14 6.14 -16.92
N SER A 38 1.43 5.02 -17.56
CA SER A 38 1.51 5.02 -19.03
C SER A 38 0.22 5.43 -19.73
N ASP A 39 -0.90 5.25 -19.08
CA ASP A 39 -2.20 5.67 -19.63
C ASP A 39 -2.50 7.19 -19.47
N ALA A 40 -1.73 7.88 -18.65
CA ALA A 40 -1.90 9.33 -18.39
C ALA A 40 -1.39 10.15 -19.59
N ALA A 41 -1.91 11.36 -19.71
CA ALA A 41 -1.58 12.20 -20.84
C ALA A 41 -0.19 12.89 -20.78
N SER A 42 0.34 13.11 -19.60
CA SER A 42 1.61 13.83 -19.50
C SER A 42 2.84 13.09 -20.02
N GLN A 43 2.89 11.78 -19.80
CA GLN A 43 4.01 10.96 -20.19
C GLN A 43 5.26 11.51 -19.46
N ARG A 44 5.03 11.98 -18.24
CA ARG A 44 6.06 12.55 -17.38
C ARG A 44 5.92 12.02 -15.97
N MET A 45 7.03 11.93 -15.22
CA MET A 45 6.96 11.57 -13.82
C MET A 45 6.24 12.79 -13.24
N GLU A 46 5.25 12.57 -12.40
CA GLU A 46 4.45 13.65 -11.83
C GLU A 46 4.54 13.75 -10.31
N PRO A 47 4.47 14.98 -9.78
CA PRO A 47 4.50 15.13 -8.32
C PRO A 47 3.16 14.73 -7.68
N ARG A 48 3.27 14.18 -6.46
CA ARG A 48 2.14 13.76 -5.62
C ARG A 48 2.28 14.29 -4.16
N ALA A 49 3.29 15.09 -3.90
CA ALA A 49 3.47 15.70 -2.57
C ALA A 49 4.01 17.11 -2.76
N PRO A 50 3.53 18.08 -1.94
CA PRO A 50 4.01 19.44 -2.16
C PRO A 50 5.50 19.66 -2.07
N TRP A 51 6.18 18.97 -1.18
CA TRP A 51 7.64 19.17 -1.05
C TRP A 51 8.48 18.72 -2.22
N ILE A 52 7.94 17.89 -3.14
CA ILE A 52 8.76 17.48 -4.26
C ILE A 52 8.56 18.51 -5.40
N GLU A 53 7.49 19.32 -5.35
CA GLU A 53 7.22 20.37 -6.44
C GLU A 53 8.32 21.39 -6.62
N GLN A 54 9.10 21.62 -5.57
CA GLN A 54 10.21 22.54 -5.65
C GLN A 54 11.37 22.01 -6.50
N GLU A 55 11.47 20.68 -6.74
CA GLU A 55 12.54 20.20 -7.58
C GLU A 55 12.33 20.84 -8.96
N GLY A 56 13.43 21.17 -9.62
CA GLY A 56 13.37 21.80 -10.94
C GLY A 56 13.27 20.91 -12.16
N PRO A 57 13.17 21.53 -13.34
CA PRO A 57 13.09 20.84 -14.62
C PRO A 57 14.08 19.73 -14.76
N GLU A 58 15.33 19.95 -14.36
CA GLU A 58 16.40 18.92 -14.45
C GLU A 58 15.98 17.61 -13.75
N TYR A 59 15.37 17.78 -12.59
CA TYR A 59 14.91 16.63 -11.83
C TYR A 59 13.76 15.92 -12.56
N TRP A 60 12.77 16.68 -13.00
CA TRP A 60 11.63 16.08 -13.69
C TRP A 60 12.06 15.41 -14.99
N ASP A 61 13.00 16.04 -15.71
CA ASP A 61 13.50 15.43 -16.94
C ASP A 61 14.18 14.09 -16.60
N GLY A 62 15.04 14.10 -15.56
CA GLY A 62 15.77 12.88 -15.12
C GLY A 62 14.90 11.74 -14.73
N GLU A 63 13.90 12.04 -13.90
CA GLU A 63 12.94 11.06 -13.41
C GLU A 63 12.11 10.51 -14.54
N THR A 64 11.67 11.36 -15.45
CA THR A 64 10.88 10.91 -16.62
C THR A 64 11.74 9.97 -17.48
N ARG A 65 12.98 10.34 -17.78
CA ARG A 65 13.90 9.49 -18.55
C ARG A 65 14.09 8.11 -17.91
N LYS A 66 14.44 8.11 -16.62
CA LYS A 66 14.65 6.88 -15.92
C LYS A 66 13.38 6.00 -15.83
N VAL A 67 12.23 6.63 -15.62
CA VAL A 67 11.02 5.84 -15.46
C VAL A 67 10.60 5.20 -16.79
N LYS A 68 10.78 5.93 -17.87
CA LYS A 68 10.50 5.40 -19.20
C LYS A 68 11.45 4.26 -19.47
N ALA A 69 12.70 4.36 -19.00
CA ALA A 69 13.64 3.28 -19.21
C ALA A 69 13.19 2.06 -18.45
N HIS A 70 12.67 2.25 -17.21
CA HIS A 70 12.14 1.14 -16.41
C HIS A 70 10.97 0.49 -17.19
N SER A 71 10.06 1.27 -17.76
CA SER A 71 8.94 0.69 -18.52
C SER A 71 9.40 -0.11 -19.72
N GLN A 72 10.43 0.35 -20.45
CA GLN A 72 10.90 -0.38 -21.60
C GLN A 72 11.56 -1.65 -21.16
N THR A 73 12.33 -1.63 -20.05
CA THR A 73 12.94 -2.88 -19.56
C THR A 73 11.80 -3.90 -19.24
N HIS A 74 10.75 -3.49 -18.54
CA HIS A 74 9.61 -4.41 -18.24
C HIS A 74 8.95 -4.87 -19.53
N ARG A 75 8.89 -4.01 -20.56
CA ARG A 75 8.30 -4.41 -21.82
C ARG A 75 9.07 -5.59 -22.39
N VAL A 76 10.40 -5.45 -22.44
CA VAL A 76 11.25 -6.50 -22.97
C VAL A 76 11.13 -7.75 -22.09
N ASP A 77 11.24 -7.54 -20.78
CA ASP A 77 11.10 -8.65 -19.86
C ASP A 77 9.83 -9.46 -20.02
N LEU A 78 8.71 -8.80 -20.20
CA LEU A 78 7.48 -9.56 -20.37
C LEU A 78 7.63 -10.54 -21.54
N GLY A 79 8.28 -10.12 -22.61
CA GLY A 79 8.47 -11.02 -23.73
C GLY A 79 9.48 -12.12 -23.38
N THR A 80 10.61 -11.76 -22.75
CA THR A 80 11.62 -12.72 -22.38
C THR A 80 11.17 -13.81 -21.43
N LEU A 81 10.37 -13.40 -20.46
CA LEU A 81 9.83 -14.32 -19.44
C LEU A 81 8.75 -15.23 -20.01
N ARG A 82 8.02 -14.68 -20.96
CA ARG A 82 6.98 -15.44 -21.68
C ARG A 82 7.71 -16.62 -22.36
N GLY A 83 8.88 -16.38 -22.92
CA GLY A 83 9.61 -17.41 -23.56
C GLY A 83 10.23 -18.39 -22.58
N TYR A 84 10.77 -17.88 -21.47
CA TYR A 84 11.40 -18.75 -20.44
C TYR A 84 10.42 -19.75 -19.92
N TYR A 85 9.18 -19.32 -19.76
CA TYR A 85 8.10 -20.14 -19.24
C TYR A 85 7.25 -20.86 -20.30
N ASN A 86 7.67 -20.79 -21.56
CA ASN A 86 6.93 -21.42 -22.67
C ASN A 86 5.48 -21.04 -22.72
N GLN A 87 5.17 -19.78 -22.49
CA GLN A 87 3.79 -19.38 -22.53
C GLN A 87 3.39 -18.80 -23.89
N SER A 88 2.10 -18.87 -24.20
CA SER A 88 1.59 -18.34 -25.46
C SER A 88 1.45 -16.82 -25.40
N GLU A 89 1.19 -16.24 -26.56
CA GLU A 89 0.97 -14.81 -26.70
C GLU A 89 -0.42 -14.34 -26.32
N ALA A 90 -1.32 -15.26 -26.00
CA ALA A 90 -2.72 -14.89 -25.68
C ALA A 90 -3.00 -14.34 -24.30
N GLY A 91 -2.22 -14.70 -23.33
CA GLY A 91 -2.55 -14.18 -22.03
C GLY A 91 -1.81 -12.95 -21.56
N SER A 92 -2.45 -12.27 -20.61
CA SER A 92 -1.81 -11.10 -19.99
C SER A 92 -0.98 -11.57 -18.80
N HIS A 93 0.22 -11.01 -18.66
CA HIS A 93 1.14 -11.34 -17.60
C HIS A 93 1.61 -10.09 -16.86
N THR A 94 2.08 -10.27 -15.64
CA THR A 94 2.52 -9.15 -14.83
C THR A 94 3.93 -9.22 -14.34
N VAL A 95 4.61 -8.12 -14.41
CA VAL A 95 5.92 -8.04 -13.83
C VAL A 95 5.78 -6.96 -12.72
N GLN A 96 6.30 -7.24 -11.55
CA GLN A 96 6.34 -6.29 -10.44
C GLN A 96 7.78 -6.13 -9.95
N ARG A 97 8.19 -4.89 -9.66
CA ARG A 97 9.55 -4.64 -9.15
C ARG A 97 9.42 -3.66 -7.98
N MET A 98 10.17 -3.87 -6.93
CA MET A 98 10.15 -2.93 -5.78
C MET A 98 11.59 -2.81 -5.31
N TYR A 99 12.05 -1.57 -5.11
CA TYR A 99 13.39 -1.38 -4.58
C TYR A 99 13.41 -0.16 -3.69
N GLY A 100 14.44 -0.07 -2.87
CA GLY A 100 14.54 1.09 -1.98
C GLY A 100 15.51 0.92 -0.85
N CYS A 101 15.51 1.87 0.06
CA CYS A 101 16.42 1.83 1.18
C CYS A 101 15.80 2.26 2.48
N ASP A 102 16.29 1.64 3.54
CA ASP A 102 15.89 1.97 4.90
C ASP A 102 17.07 2.61 5.62
N VAL A 103 16.76 3.61 6.47
CA VAL A 103 17.71 4.30 7.27
C VAL A 103 17.18 4.37 8.72
N GLY A 104 18.11 4.50 9.64
CA GLY A 104 17.82 4.58 11.05
C GLY A 104 17.49 5.99 11.49
N SER A 105 17.41 6.15 12.81
CA SER A 105 17.10 7.43 13.42
C SER A 105 18.13 8.48 13.07
N ASP A 106 19.35 8.00 12.81
CA ASP A 106 20.45 8.84 12.46
C ASP A 106 20.53 9.07 10.99
N TRP A 107 19.54 8.58 10.25
CA TRP A 107 19.51 8.71 8.79
C TRP A 107 20.61 7.99 8.02
N ARG A 108 21.39 7.17 8.70
CA ARG A 108 22.41 6.41 7.99
C ARG A 108 21.82 5.09 7.46
N PHE A 109 22.34 4.63 6.34
CA PHE A 109 21.90 3.41 5.71
C PHE A 109 21.82 2.22 6.69
N LEU A 110 20.66 1.55 6.66
CA LEU A 110 20.37 0.34 7.43
C LEU A 110 20.35 -0.88 6.52
N ARG A 111 19.52 -0.82 5.48
CA ARG A 111 19.43 -1.93 4.54
C ARG A 111 18.84 -1.48 3.25
N GLY A 112 19.15 -2.26 2.23
CA GLY A 112 18.66 -2.00 0.88
C GLY A 112 17.92 -3.20 0.34
N TYR A 113 17.08 -3.01 -0.68
CA TYR A 113 16.32 -4.10 -1.30
C TYR A 113 15.97 -3.86 -2.77
N HIS A 114 15.85 -4.96 -3.51
CA HIS A 114 15.48 -4.94 -4.94
C HIS A 114 14.89 -6.31 -5.20
N GLN A 115 13.57 -6.35 -5.31
CA GLN A 115 12.81 -7.59 -5.52
C GLN A 115 12.06 -7.50 -6.79
N TYR A 116 11.99 -8.63 -7.51
CA TYR A 116 11.25 -8.71 -8.75
C TYR A 116 10.38 -9.99 -8.76
N ALA A 117 9.18 -9.84 -9.30
CA ALA A 117 8.19 -10.91 -9.39
C ALA A 117 7.59 -11.03 -10.78
N TYR A 118 7.14 -12.25 -11.09
CA TYR A 118 6.44 -12.56 -12.35
C TYR A 118 5.16 -13.29 -11.95
N ASP A 119 4.05 -12.73 -12.45
CA ASP A 119 2.70 -13.22 -12.16
C ASP A 119 2.43 -13.42 -10.69
N GLY A 120 2.89 -12.47 -9.91
CA GLY A 120 2.66 -12.49 -8.45
C GLY A 120 3.48 -13.42 -7.60
N LYS A 121 4.48 -14.06 -8.22
CA LYS A 121 5.32 -14.97 -7.51
C LYS A 121 6.75 -14.49 -7.50
N ASP A 122 7.46 -14.79 -6.44
CA ASP A 122 8.89 -14.42 -6.40
C ASP A 122 9.57 -14.89 -7.70
N TYR A 123 10.53 -14.07 -8.19
CA TYR A 123 11.27 -14.37 -9.39
C TYR A 123 12.75 -14.24 -9.03
N ILE A 124 13.20 -13.01 -8.83
CA ILE A 124 14.61 -12.80 -8.41
C ILE A 124 14.67 -11.60 -7.44
N ALA A 125 15.54 -11.68 -6.45
CA ALA A 125 15.70 -10.60 -5.45
C ALA A 125 17.17 -10.53 -5.03
N LEU A 126 17.59 -9.33 -4.69
CA LEU A 126 18.95 -9.13 -4.25
C LEU A 126 19.02 -9.56 -2.77
N LYS A 127 20.07 -10.24 -2.37
CA LYS A 127 20.20 -10.65 -0.99
C LYS A 127 20.56 -9.42 -0.11
N GLU A 128 20.39 -9.59 1.20
CA GLU A 128 20.61 -8.52 2.20
C GLU A 128 21.97 -7.88 2.05
N ASP A 129 22.98 -8.68 1.73
CA ASP A 129 24.34 -8.08 1.59
C ASP A 129 24.52 -7.26 0.32
N LEU A 130 23.50 -7.28 -0.53
CA LEU A 130 23.47 -6.57 -1.76
C LEU A 130 24.58 -6.97 -2.75
N ARG A 131 25.17 -8.17 -2.59
CA ARG A 131 26.19 -8.64 -3.47
C ARG A 131 25.85 -9.93 -4.23
N SER A 132 24.68 -10.49 -4.02
CA SER A 132 24.36 -11.74 -4.70
C SER A 132 22.87 -11.81 -4.84
N TRP A 133 22.40 -12.81 -5.58
CA TRP A 133 20.95 -12.91 -5.83
C TRP A 133 20.31 -14.23 -5.44
N THR A 134 19.02 -14.14 -5.20
CA THR A 134 18.15 -15.27 -4.85
C THR A 134 17.20 -15.46 -6.05
N ALA A 135 17.43 -16.55 -6.81
CA ALA A 135 16.58 -16.87 -7.97
C ALA A 135 15.67 -18.01 -7.52
N ALA A 136 14.36 -17.91 -7.67
CA ALA A 136 13.43 -18.94 -7.21
C ALA A 136 13.28 -20.23 -8.06
N ASP A 137 13.55 -20.12 -9.36
CA ASP A 137 13.42 -21.21 -10.29
C ASP A 137 14.43 -21.07 -11.44
N MET A 138 14.45 -22.05 -12.32
CA MET A 138 15.47 -22.09 -13.37
C MET A 138 15.40 -20.91 -14.34
N ALA A 139 14.23 -20.33 -14.58
CA ALA A 139 14.14 -19.18 -15.44
C ALA A 139 14.85 -18.00 -14.74
N ALA A 140 14.51 -17.76 -13.47
CA ALA A 140 15.13 -16.70 -12.69
C ALA A 140 16.61 -16.97 -12.63
N GLN A 141 17.06 -18.24 -12.60
CA GLN A 141 18.51 -18.53 -12.57
C GLN A 141 19.16 -18.06 -13.89
N THR A 142 18.45 -18.15 -15.00
CA THR A 142 19.00 -17.65 -16.27
C THR A 142 19.20 -16.12 -16.10
N THR A 143 18.22 -15.44 -15.55
CA THR A 143 18.37 -14.00 -15.30
C THR A 143 19.53 -13.71 -14.36
N LYS A 144 19.69 -14.50 -13.29
CA LYS A 144 20.77 -14.31 -12.37
C LYS A 144 22.11 -14.37 -13.07
N HIS A 145 22.30 -15.37 -13.96
CA HIS A 145 23.60 -15.48 -14.68
C HIS A 145 23.80 -14.21 -15.54
N LYS A 146 22.74 -13.70 -16.15
CA LYS A 146 22.87 -12.46 -16.99
C LYS A 146 23.32 -11.30 -16.13
N TRP A 147 22.65 -11.19 -15.01
CA TRP A 147 22.94 -10.06 -14.07
C TRP A 147 24.31 -10.14 -13.41
N GLU A 148 24.82 -11.36 -13.20
CA GLU A 148 26.11 -11.53 -12.63
C GLU A 148 27.11 -11.10 -13.70
N ALA A 149 26.94 -11.59 -14.91
CA ALA A 149 27.90 -11.22 -15.96
C ALA A 149 27.89 -9.70 -16.25
N ALA A 150 26.74 -9.05 -16.11
CA ALA A 150 26.65 -7.59 -16.37
C ALA A 150 26.92 -6.75 -15.10
N HIS A 151 27.36 -7.39 -14.00
CA HIS A 151 27.60 -6.71 -12.71
C HIS A 151 26.49 -5.76 -12.26
N VAL A 152 25.22 -6.21 -12.29
CA VAL A 152 24.06 -5.42 -11.91
C VAL A 152 24.03 -5.18 -10.43
N ALA A 153 24.40 -6.22 -9.64
CA ALA A 153 24.44 -6.08 -8.17
C ALA A 153 25.35 -4.90 -7.77
N GLU A 154 26.56 -4.80 -8.32
CA GLU A 154 27.45 -3.66 -7.98
C GLU A 154 26.82 -2.28 -8.16
N GLN A 155 26.16 -2.12 -9.30
CA GLN A 155 25.45 -0.87 -9.67
C GLN A 155 24.33 -0.56 -8.65
N LEU A 156 23.53 -1.57 -8.36
CA LEU A 156 22.46 -1.40 -7.40
C LEU A 156 22.92 -1.12 -6.06
N ARG A 157 23.94 -1.83 -5.64
CA ARG A 157 24.44 -1.62 -4.33
C ARG A 157 24.90 -0.17 -4.12
N ALA A 158 25.56 0.38 -5.13
CA ALA A 158 26.03 1.73 -5.05
C ALA A 158 24.81 2.68 -4.95
N TYR A 159 23.73 2.37 -5.67
CA TYR A 159 22.53 3.17 -5.62
C TYR A 159 21.82 3.06 -4.25
N LEU A 160 21.58 1.84 -3.81
CA LEU A 160 20.95 1.58 -2.54
C LEU A 160 21.63 2.10 -1.29
N GLU A 161 22.94 1.94 -1.25
CA GLU A 161 23.76 2.36 -0.12
C GLU A 161 24.13 3.84 -0.14
N GLY A 162 24.11 4.43 -1.31
CA GLY A 162 24.47 5.82 -1.44
C GLY A 162 23.40 6.77 -1.90
N THR A 163 23.18 6.75 -3.21
CA THR A 163 22.21 7.61 -3.87
C THR A 163 20.83 7.63 -3.23
N CYS A 164 20.33 6.45 -2.95
CA CYS A 164 18.99 6.32 -2.35
C CYS A 164 18.96 7.05 -1.01
N VAL A 165 19.98 6.81 -0.23
CA VAL A 165 20.10 7.41 1.09
C VAL A 165 20.24 8.92 1.00
N GLU A 166 21.05 9.40 0.06
CA GLU A 166 21.26 10.81 -0.12
C GLU A 166 19.96 11.52 -0.48
N TRP A 167 19.22 10.96 -1.43
CA TRP A 167 17.96 11.53 -1.86
C TRP A 167 16.90 11.46 -0.75
N LEU A 168 16.90 10.38 0.02
CA LEU A 168 15.97 10.26 1.13
C LEU A 168 16.21 11.41 2.14
N ARG A 169 17.47 11.68 2.51
CA ARG A 169 17.80 12.75 3.43
C ARG A 169 17.33 14.10 2.84
N ARG A 170 17.55 14.32 1.54
CA ARG A 170 17.13 15.58 0.89
C ARG A 170 15.63 15.74 1.03
N TYR A 171 14.90 14.67 0.77
CA TYR A 171 13.44 14.69 0.87
C TYR A 171 12.94 14.93 2.28
N LEU A 172 13.54 14.27 3.25
CA LEU A 172 13.15 14.47 4.67
C LEU A 172 13.33 15.91 5.11
N GLU A 173 14.44 16.50 4.65
CA GLU A 173 14.74 17.89 4.98
C GLU A 173 13.78 18.84 4.30
N ASN A 174 13.58 18.66 2.99
CA ASN A 174 12.64 19.54 2.26
C ASN A 174 11.16 19.39 2.67
N GLY A 175 10.78 18.19 3.05
CA GLY A 175 9.39 17.94 3.45
C GLY A 175 9.27 17.84 4.94
N LYS A 176 10.22 18.42 5.68
CA LYS A 176 10.18 18.28 7.13
C LYS A 176 8.90 18.60 7.84
N GLU A 177 8.15 19.61 7.39
CA GLU A 177 6.92 20.02 8.08
C GLU A 177 5.92 18.88 8.23
N THR A 178 5.96 17.94 7.30
CA THR A 178 5.05 16.75 7.35
C THR A 178 5.81 15.43 7.49
N LEU A 179 6.89 15.23 6.72
CA LEU A 179 7.65 14.01 6.77
C LEU A 179 8.29 13.72 8.13
N GLN A 180 8.78 14.75 8.83
CA GLN A 180 9.39 14.55 10.14
C GLN A 180 8.40 14.74 11.29
N ARG A 181 7.13 14.88 10.96
CA ARG A 181 6.10 15.06 11.98
C ARG A 181 5.39 13.76 12.21
N THR A 182 5.08 13.44 13.47
CA THR A 182 4.36 12.24 13.78
C THR A 182 2.98 12.74 14.24
N ASP A 183 1.93 12.05 13.83
CA ASP A 183 0.53 12.35 14.21
C ASP A 183 0.01 11.18 15.02
N ALA A 184 -0.19 11.41 16.32
CA ALA A 184 -0.64 10.38 17.27
C ALA A 184 -2.03 9.97 16.97
N PRO A 185 -2.38 8.70 17.18
CA PRO A 185 -3.75 8.29 16.94
C PRO A 185 -4.75 8.93 17.87
N LYS A 186 -5.91 9.28 17.31
CA LYS A 186 -7.00 9.81 18.07
C LYS A 186 -7.77 8.56 18.41
N THR A 187 -7.87 8.24 19.68
CA THR A 187 -8.56 7.02 20.10
C THR A 187 -9.85 7.15 20.85
N HIS A 188 -10.71 6.12 20.72
CA HIS A 188 -11.95 6.03 21.45
C HIS A 188 -12.45 4.59 21.38
N MET A 189 -13.36 4.26 22.27
CA MET A 189 -13.93 2.90 22.29
C MET A 189 -15.42 2.98 22.09
N THR A 190 -15.92 2.02 21.32
CA THR A 190 -17.36 1.92 21.10
C THR A 190 -17.81 0.56 21.70
N HIS A 191 -19.09 0.47 21.94
CA HIS A 191 -19.70 -0.71 22.52
C HIS A 191 -20.92 -1.16 21.72
N HIS A 192 -21.06 -2.48 21.51
CA HIS A 192 -22.20 -3.00 20.73
C HIS A 192 -22.74 -4.30 21.29
N ALA A 193 -24.05 -4.40 21.40
CA ALA A 193 -24.64 -5.61 21.97
C ALA A 193 -25.40 -6.41 20.94
N VAL A 194 -25.08 -7.70 20.83
CA VAL A 194 -25.78 -8.50 19.82
C VAL A 194 -26.93 -9.34 20.41
N SER A 195 -26.76 -9.68 21.68
CA SER A 195 -27.72 -10.48 22.42
C SER A 195 -27.68 -9.98 23.87
N ASP A 196 -28.41 -10.62 24.76
CA ASP A 196 -28.38 -10.18 26.17
C ASP A 196 -27.13 -10.65 26.91
N HIS A 197 -26.37 -11.58 26.36
CA HIS A 197 -25.19 -12.08 27.09
C HIS A 197 -23.83 -11.77 26.48
N GLU A 198 -23.80 -11.27 25.26
CA GLU A 198 -22.56 -11.00 24.57
C GLU A 198 -22.51 -9.58 24.07
N ALA A 199 -21.38 -8.96 24.25
CA ALA A 199 -21.15 -7.56 23.75
C ALA A 199 -19.77 -7.43 23.10
N THR A 200 -19.69 -6.50 22.16
CA THR A 200 -18.44 -6.24 21.47
C THR A 200 -17.91 -4.89 21.82
N LEU A 201 -16.61 -4.84 22.17
CA LEU A 201 -15.94 -3.56 22.47
C LEU A 201 -15.04 -3.32 21.29
N ARG A 202 -15.06 -2.10 20.74
CA ARG A 202 -14.19 -1.77 19.61
C ARG A 202 -13.33 -0.59 19.93
N CYS A 203 -12.03 -0.79 19.86
CA CYS A 203 -11.04 0.20 20.12
C CYS A 203 -10.60 0.77 18.77
N TRP A 204 -10.77 2.08 18.62
CA TRP A 204 -10.45 2.81 17.38
C TRP A 204 -9.21 3.69 17.49
N ALA A 205 -8.45 3.74 16.40
CA ALA A 205 -7.26 4.58 16.27
C ALA A 205 -7.44 5.26 14.90
N LEU A 206 -7.56 6.59 14.93
CA LEU A 206 -7.74 7.41 13.76
C LEU A 206 -6.67 8.52 13.63
N SER A 207 -6.51 8.93 12.38
CA SER A 207 -5.73 10.07 11.98
C SER A 207 -4.29 10.05 12.39
N PHE A 208 -3.71 8.86 12.33
CA PHE A 208 -2.31 8.74 12.69
C PHE A 208 -1.36 8.63 11.52
N TYR A 209 -0.09 8.98 11.83
CA TYR A 209 1.02 8.90 10.83
C TYR A 209 2.29 8.79 11.64
N PRO A 210 3.21 7.85 11.30
CA PRO A 210 3.10 6.89 10.18
C PRO A 210 2.09 5.77 10.38
N ALA A 211 1.96 4.84 9.44
CA ALA A 211 0.98 3.77 9.51
C ALA A 211 1.25 2.74 10.55
N GLU A 212 2.53 2.46 10.86
CA GLU A 212 2.82 1.45 11.87
C GLU A 212 2.12 1.77 13.20
N ILE A 213 1.41 0.79 13.75
CA ILE A 213 0.72 0.94 15.02
C ILE A 213 0.45 -0.43 15.59
N THR A 214 0.25 -0.53 16.93
CA THR A 214 -0.04 -1.75 17.62
C THR A 214 -1.24 -1.52 18.57
N LEU A 215 -2.28 -2.30 18.34
CA LEU A 215 -3.47 -2.29 19.13
C LEU A 215 -3.60 -3.70 19.77
N THR A 216 -3.67 -3.72 21.09
CA THR A 216 -3.79 -5.00 21.82
C THR A 216 -4.80 -4.89 22.95
N TRP A 217 -5.44 -6.00 23.27
CA TRP A 217 -6.40 -6.13 24.35
C TRP A 217 -5.87 -6.95 25.49
N GLN A 218 -6.25 -6.55 26.69
CA GLN A 218 -5.92 -7.25 27.89
C GLN A 218 -7.21 -7.51 28.69
N ARG A 219 -7.19 -8.62 29.42
CA ARG A 219 -8.30 -9.03 30.30
C ARG A 219 -7.65 -9.19 31.67
N ASP A 220 -8.04 -8.31 32.61
CA ASP A 220 -7.52 -8.32 33.97
C ASP A 220 -5.99 -8.19 33.92
N GLY A 221 -5.51 -7.32 33.06
CA GLY A 221 -4.10 -7.13 32.92
C GLY A 221 -3.32 -8.21 32.19
N GLU A 222 -3.99 -9.14 31.54
CA GLU A 222 -3.30 -10.22 30.82
C GLU A 222 -3.68 -10.13 29.36
N ASP A 223 -2.73 -10.26 28.46
CA ASP A 223 -3.02 -10.16 27.03
C ASP A 223 -4.11 -11.14 26.61
N GLN A 224 -4.98 -10.66 25.74
CA GLN A 224 -6.04 -11.49 25.24
C GLN A 224 -6.13 -11.35 23.71
N THR A 225 -5.91 -12.47 23.02
CA THR A 225 -5.97 -12.57 21.56
C THR A 225 -7.25 -13.35 21.13
N GLN A 226 -7.66 -14.33 21.91
CA GLN A 226 -8.93 -15.04 21.56
C GLN A 226 -10.14 -14.11 21.60
N ASP A 227 -11.09 -14.37 20.70
CA ASP A 227 -12.29 -13.55 20.63
C ASP A 227 -11.95 -12.12 20.23
N THR A 228 -10.86 -11.91 19.49
CA THR A 228 -10.51 -10.55 19.02
C THR A 228 -10.45 -10.51 17.52
N GLU A 229 -10.73 -9.34 16.98
CA GLU A 229 -10.68 -9.10 15.52
C GLU A 229 -9.95 -7.82 15.35
N LEU A 230 -8.99 -7.79 14.46
CA LEU A 230 -8.15 -6.62 14.17
C LEU A 230 -8.21 -6.40 12.66
N VAL A 231 -8.64 -5.22 12.18
CA VAL A 231 -8.68 -4.98 10.76
C VAL A 231 -7.33 -4.48 10.28
N GLU A 232 -7.09 -4.72 8.98
CA GLU A 232 -5.90 -4.22 8.35
C GLU A 232 -5.90 -2.67 8.46
N THR A 233 -4.75 -2.08 8.72
CA THR A 233 -4.54 -0.61 8.80
C THR A 233 -4.91 -0.13 7.42
N ARG A 234 -5.73 0.91 7.42
CA ARG A 234 -6.25 1.48 6.18
C ARG A 234 -6.02 2.95 6.05
N PRO A 235 -5.92 3.40 4.78
CA PRO A 235 -5.67 4.82 4.63
C PRO A 235 -6.95 5.65 4.78
N ALA A 236 -6.86 6.82 5.43
CA ALA A 236 -8.09 7.66 5.53
C ALA A 236 -8.35 8.44 4.26
N GLY A 237 -7.33 8.69 3.44
CA GLY A 237 -7.42 9.44 2.21
C GLY A 237 -6.85 10.85 2.24
N ASP A 238 -6.53 11.35 3.46
CA ASP A 238 -5.95 12.66 3.72
C ASP A 238 -4.48 12.53 4.15
N GLY A 239 -3.87 11.36 3.91
CA GLY A 239 -2.46 11.03 4.25
C GLY A 239 -2.25 10.28 5.60
N THR A 240 -3.33 10.18 6.39
CA THR A 240 -3.30 9.51 7.66
C THR A 240 -3.92 8.11 7.52
N PHE A 241 -3.79 7.37 8.63
CA PHE A 241 -4.28 5.97 8.67
C PHE A 241 -5.23 5.75 9.82
N GLN A 242 -5.96 4.63 9.74
CA GLN A 242 -6.93 4.21 10.71
C GLN A 242 -6.81 2.72 10.96
N LYS A 243 -7.29 2.28 12.10
CA LYS A 243 -7.33 0.85 12.45
C LYS A 243 -8.15 0.66 13.68
N TRP A 244 -8.81 -0.49 13.80
CA TRP A 244 -9.53 -0.81 15.00
C TRP A 244 -9.30 -2.22 15.39
N ALA A 245 -9.53 -2.50 16.68
CA ALA A 245 -9.38 -3.83 17.28
C ALA A 245 -10.62 -4.07 18.13
N ALA A 246 -11.31 -5.21 17.98
CA ALA A 246 -12.46 -5.52 18.75
C ALA A 246 -12.27 -6.80 19.61
N VAL A 247 -12.95 -6.85 20.73
CA VAL A 247 -12.95 -8.04 21.61
C VAL A 247 -14.44 -8.33 21.92
N VAL A 248 -14.82 -9.59 21.92
CA VAL A 248 -16.17 -10.03 22.29
C VAL A 248 -16.04 -10.38 23.81
N VAL A 249 -17.00 -9.93 24.65
CA VAL A 249 -16.92 -10.12 26.07
C VAL A 249 -18.32 -10.44 26.66
N PRO A 250 -18.36 -11.07 27.85
CA PRO A 250 -19.67 -11.34 28.44
C PRO A 250 -20.27 -9.98 28.83
N SER A 251 -21.53 -9.72 28.47
CA SER A 251 -22.08 -8.43 28.79
C SER A 251 -22.07 -8.29 30.31
N GLY A 252 -21.72 -7.09 30.76
CA GLY A 252 -21.62 -6.83 32.21
C GLY A 252 -20.17 -6.91 32.71
N GLN A 253 -19.27 -7.54 31.94
CA GLN A 253 -17.86 -7.66 32.33
C GLN A 253 -16.93 -6.74 31.56
N GLU A 254 -17.48 -5.75 30.88
CA GLU A 254 -16.66 -4.84 30.10
C GLU A 254 -15.50 -4.19 30.81
N GLN A 255 -15.69 -3.84 32.04
CA GLN A 255 -14.65 -3.16 32.83
C GLN A 255 -13.36 -3.94 33.04
N ARG A 256 -13.37 -5.24 32.78
CA ARG A 256 -12.13 -6.04 32.92
C ARG A 256 -11.19 -5.90 31.73
N TYR A 257 -11.68 -5.35 30.62
CA TYR A 257 -10.96 -5.23 29.37
C TYR A 257 -10.41 -3.87 29.13
N THR A 258 -9.17 -3.87 28.66
CA THR A 258 -8.40 -2.65 28.36
C THR A 258 -7.72 -2.77 26.97
N CYS A 259 -7.76 -1.67 26.20
CA CYS A 259 -7.16 -1.57 24.88
C CYS A 259 -5.87 -0.82 25.07
N HIS A 260 -4.78 -1.27 24.41
CA HIS A 260 -3.48 -0.63 24.58
C HIS A 260 -3.03 -0.21 23.24
N VAL A 261 -2.58 1.03 23.14
CA VAL A 261 -2.18 1.54 21.85
C VAL A 261 -0.73 2.02 21.88
N GLN A 262 0.04 1.50 20.94
CA GLN A 262 1.46 1.84 20.74
C GLN A 262 1.67 2.50 19.38
N HIS A 263 2.40 3.62 19.38
CA HIS A 263 2.66 4.40 18.16
C HIS A 263 3.78 5.40 18.38
N GLU A 264 4.56 5.64 17.34
CA GLU A 264 5.69 6.56 17.38
C GLU A 264 5.38 7.97 17.89
N GLY A 265 4.15 8.43 17.69
CA GLY A 265 3.70 9.75 18.12
C GLY A 265 3.23 9.84 19.54
N LEU A 266 3.18 8.70 20.22
CA LEU A 266 2.77 8.66 21.65
C LEU A 266 4.03 8.49 22.48
N PRO A 267 4.34 9.49 23.32
CA PRO A 267 5.55 9.38 24.17
C PRO A 267 5.45 8.21 25.14
N LYS A 268 4.24 7.73 25.34
CA LYS A 268 3.96 6.63 26.20
C LYS A 268 2.72 5.93 25.67
N PRO A 269 2.69 4.55 25.66
CA PRO A 269 1.47 3.87 25.19
C PRO A 269 0.26 4.27 26.05
N LEU A 270 -0.91 4.29 25.39
CA LEU A 270 -2.14 4.66 26.05
C LEU A 270 -3.05 3.47 26.26
N THR A 271 -3.86 3.60 27.28
CA THR A 271 -4.81 2.56 27.67
C THR A 271 -6.21 3.15 27.61
N LEU A 272 -7.18 2.38 27.12
CA LEU A 272 -8.58 2.83 27.05
C LEU A 272 -9.40 1.76 27.73
N ARG A 273 -10.49 2.17 28.37
CA ARG A 273 -11.33 1.23 29.08
C ARG A 273 -12.74 1.73 28.82
N TRP A 274 -13.73 0.87 28.94
CA TRP A 274 -15.11 1.27 28.72
C TRP A 274 -15.69 1.63 30.10
N GLU A 275 -16.25 2.83 30.23
CA GLU A 275 -16.83 3.24 31.53
C GLU A 275 -18.30 2.81 31.52
N PRO A 276 -18.73 2.04 32.55
CA PRO A 276 -20.08 1.47 32.73
C PRO A 276 -20.91 1.17 31.45
N MET B 1 -1.24 -16.94 -13.01
CA MET B 1 -0.60 -17.97 -12.14
C MET B 1 -1.48 -17.97 -10.86
N ILE B 2 -0.99 -17.36 -9.77
CA ILE B 2 -1.79 -17.32 -8.55
C ILE B 2 -2.91 -16.31 -8.70
N GLN B 3 -4.00 -16.60 -8.03
CA GLN B 3 -5.12 -15.68 -8.02
C GLN B 3 -5.46 -15.53 -6.55
N ARG B 4 -5.60 -14.28 -6.15
CA ARG B 4 -5.90 -13.91 -4.79
C ARG B 4 -7.10 -12.99 -4.79
N THR B 5 -8.10 -13.30 -3.96
CA THR B 5 -9.31 -12.51 -3.94
C THR B 5 -9.17 -11.23 -3.11
N PRO B 6 -9.85 -10.18 -3.51
CA PRO B 6 -9.66 -8.99 -2.68
C PRO B 6 -10.39 -8.93 -1.35
N LYS B 7 -9.74 -8.32 -0.36
CA LYS B 7 -10.33 -8.04 0.95
C LYS B 7 -10.90 -6.63 0.66
N ILE B 8 -12.01 -6.28 1.32
CA ILE B 8 -12.68 -5.03 1.13
C ILE B 8 -13.04 -4.40 2.49
N GLN B 9 -12.76 -3.09 2.64
CA GLN B 9 -13.18 -2.29 3.80
C GLN B 9 -13.86 -1.04 3.20
N VAL B 10 -15.06 -0.75 3.70
CA VAL B 10 -15.89 0.42 3.28
C VAL B 10 -16.01 1.30 4.56
N TYR B 11 -15.61 2.56 4.45
CA TYR B 11 -15.60 3.44 5.63
C TYR B 11 -15.44 4.92 5.26
N SER B 12 -15.60 5.79 6.25
CA SER B 12 -15.46 7.23 6.01
C SER B 12 -14.10 7.72 6.43
N ARG B 13 -13.68 8.77 5.74
CA ARG B 13 -12.42 9.43 5.99
C ARG B 13 -12.43 10.09 7.36
N HIS B 14 -13.52 10.79 7.68
CA HIS B 14 -13.72 11.46 8.94
C HIS B 14 -14.88 10.81 9.68
N PRO B 15 -14.96 11.02 11.02
CA PRO B 15 -16.05 10.47 11.82
C PRO B 15 -17.37 10.87 11.17
N ALA B 16 -18.33 9.95 11.18
CA ALA B 16 -19.60 10.19 10.54
C ALA B 16 -20.65 10.94 11.26
N GLU B 17 -21.11 12.02 10.64
CA GLU B 17 -22.14 12.85 11.23
C GLU B 17 -23.14 13.14 10.15
N ASN B 18 -24.39 12.76 10.40
CA ASN B 18 -25.43 12.99 9.44
C ASN B 18 -25.56 14.45 9.08
N GLY B 19 -25.67 14.69 7.78
CA GLY B 19 -25.82 16.03 7.24
C GLY B 19 -24.56 16.82 7.12
N LYS B 20 -23.41 16.23 7.41
CA LYS B 20 -22.19 17.02 7.33
C LYS B 20 -21.29 16.31 6.33
N SER B 21 -20.54 17.06 5.51
CA SER B 21 -19.74 16.42 4.47
C SER B 21 -18.57 15.56 4.90
N ASN B 22 -18.22 14.61 4.06
CA ASN B 22 -17.17 13.68 4.40
C ASN B 22 -16.71 13.01 3.10
N PHE B 23 -15.95 11.92 3.21
CA PHE B 23 -15.54 11.16 2.07
C PHE B 23 -15.73 9.68 2.37
N LEU B 24 -16.28 8.98 1.37
CA LEU B 24 -16.58 7.54 1.45
C LEU B 24 -15.50 6.81 0.77
N ASN B 25 -14.89 5.85 1.49
CA ASN B 25 -13.79 5.07 0.98
C ASN B 25 -14.05 3.59 0.84
N CYS B 26 -13.50 3.01 -0.21
CA CYS B 26 -13.58 1.58 -0.42
C CYS B 26 -12.11 1.19 -0.67
N TYR B 27 -11.54 0.47 0.29
CA TYR B 27 -10.13 0.03 0.23
C TYR B 27 -10.11 -1.44 -0.12
N VAL B 28 -9.46 -1.77 -1.25
CA VAL B 28 -9.39 -3.14 -1.74
C VAL B 28 -7.94 -3.55 -1.68
N SER B 29 -7.68 -4.70 -1.09
CA SER B 29 -6.31 -5.16 -0.96
C SER B 29 -6.20 -6.65 -1.04
N GLY B 30 -4.96 -7.14 -1.14
CA GLY B 30 -4.62 -8.53 -1.17
C GLY B 30 -4.98 -9.32 -2.39
N PHE B 31 -5.22 -8.64 -3.47
CA PHE B 31 -5.66 -9.28 -4.73
C PHE B 31 -4.62 -9.38 -5.80
N HIS B 32 -4.80 -10.39 -6.68
CA HIS B 32 -3.87 -10.61 -7.81
C HIS B 32 -4.68 -11.44 -8.77
N PRO B 33 -4.69 -11.09 -10.07
CA PRO B 33 -4.06 -10.01 -10.82
C PRO B 33 -4.59 -8.60 -10.52
N SER B 34 -3.98 -7.58 -11.12
CA SER B 34 -4.38 -6.18 -10.85
C SER B 34 -5.74 -5.69 -11.38
N ASP B 35 -6.24 -6.29 -12.45
CA ASP B 35 -7.54 -5.89 -13.03
C ASP B 35 -8.66 -6.07 -11.98
N ILE B 36 -9.42 -5.02 -11.66
CA ILE B 36 -10.49 -5.13 -10.65
C ILE B 36 -11.52 -4.06 -10.98
N GLU B 37 -12.78 -4.29 -10.63
CA GLU B 37 -13.83 -3.33 -10.86
C GLU B 37 -14.38 -2.96 -9.46
N VAL B 38 -14.40 -1.68 -9.11
CA VAL B 38 -14.89 -1.26 -7.83
C VAL B 38 -15.80 -0.08 -8.02
N ASP B 39 -17.06 -0.24 -7.59
CA ASP B 39 -18.00 0.85 -7.69
C ASP B 39 -18.46 1.23 -6.28
N LEU B 40 -18.81 2.52 -6.07
CA LEU B 40 -19.35 2.96 -4.78
C LEU B 40 -20.83 3.13 -5.12
N LEU B 41 -21.73 2.69 -4.23
CA LEU B 41 -23.17 2.77 -4.40
C LEU B 41 -23.87 3.60 -3.38
N LYS B 42 -24.81 4.38 -3.88
CA LYS B 42 -25.64 5.18 -3.04
C LYS B 42 -27.11 4.65 -3.31
N ASN B 43 -27.67 4.05 -2.26
CA ASN B 43 -28.99 3.51 -2.36
C ASN B 43 -29.03 2.49 -3.52
N GLY B 44 -27.97 1.69 -3.61
CA GLY B 44 -27.82 0.66 -4.62
C GLY B 44 -27.41 1.07 -6.04
N GLU B 45 -27.33 2.38 -6.30
CA GLU B 45 -26.99 2.93 -7.62
C GLU B 45 -25.54 3.41 -7.66
N ARG B 46 -24.91 3.17 -8.79
CA ARG B 46 -23.53 3.55 -8.94
C ARG B 46 -23.33 5.08 -8.91
N ILE B 47 -22.36 5.50 -8.14
CA ILE B 47 -21.94 6.89 -7.97
C ILE B 47 -20.96 7.07 -9.13
N GLU B 48 -21.21 8.10 -9.91
CA GLU B 48 -20.39 8.39 -11.10
C GLU B 48 -19.03 8.97 -10.89
N LYS B 49 -18.87 9.93 -10.02
CA LYS B 49 -17.51 10.46 -9.92
C LYS B 49 -16.72 9.89 -8.77
N VAL B 50 -15.98 8.82 -9.07
CA VAL B 50 -15.18 8.16 -8.09
C VAL B 50 -13.74 8.10 -8.55
N GLU B 51 -12.82 8.44 -7.66
CA GLU B 51 -11.42 8.46 -7.98
C GLU B 51 -10.76 7.35 -7.27
N HIS B 52 -9.55 7.06 -7.65
CA HIS B 52 -8.84 6.03 -7.01
C HIS B 52 -7.35 6.36 -7.00
N SER B 53 -6.70 5.70 -6.04
CA SER B 53 -5.28 5.82 -5.83
C SER B 53 -4.48 5.10 -6.90
N ASP B 54 -3.20 5.42 -7.05
CA ASP B 54 -2.31 4.77 -8.00
C ASP B 54 -1.96 3.36 -7.50
N LEU B 55 -2.11 2.34 -8.36
CA LEU B 55 -1.83 0.98 -8.00
C LEU B 55 -0.49 0.76 -7.37
N SER B 56 -0.49 0.03 -6.27
CA SER B 56 0.72 -0.29 -5.58
C SER B 56 0.51 -1.72 -4.99
N PHE B 57 1.50 -2.26 -4.32
CA PHE B 57 1.42 -3.61 -3.76
C PHE B 57 2.27 -3.80 -2.53
N SER B 58 1.94 -4.86 -1.80
CA SER B 58 2.60 -5.26 -0.57
C SER B 58 3.73 -6.18 -0.82
N LYS B 59 4.39 -6.57 0.26
CA LYS B 59 5.52 -7.47 0.15
C LYS B 59 5.27 -8.80 -0.48
N ASP B 60 4.05 -9.27 -0.31
CA ASP B 60 3.70 -10.57 -0.87
C ASP B 60 3.22 -10.43 -2.32
N TRP B 61 3.44 -9.24 -2.87
CA TRP B 61 3.08 -8.90 -4.24
C TRP B 61 1.64 -8.63 -4.48
N SER B 62 0.75 -8.77 -3.49
CA SER B 62 -0.64 -8.50 -3.75
C SER B 62 -0.89 -7.00 -3.86
N PHE B 63 -1.88 -6.63 -4.67
CA PHE B 63 -2.19 -5.23 -4.90
C PHE B 63 -3.17 -4.60 -3.95
N TYR B 64 -3.10 -3.28 -3.86
CA TYR B 64 -4.05 -2.52 -3.07
C TYR B 64 -4.37 -1.17 -3.75
N LEU B 65 -5.65 -0.78 -3.64
CA LEU B 65 -6.15 0.46 -4.14
C LEU B 65 -7.23 1.04 -3.21
N LEU B 66 -7.28 2.37 -3.16
CA LEU B 66 -8.30 3.10 -2.41
C LEU B 66 -9.16 3.83 -3.43
N TYR B 67 -10.47 3.58 -3.38
CA TYR B 67 -11.49 4.24 -4.25
C TYR B 67 -12.18 5.18 -3.28
N TYR B 68 -12.53 6.37 -3.73
CA TYR B 68 -13.14 7.36 -2.81
C TYR B 68 -13.96 8.42 -3.51
N THR B 69 -14.91 9.01 -2.78
CA THR B 69 -15.78 10.04 -3.32
C THR B 69 -16.33 10.90 -2.18
N GLU B 70 -16.64 12.17 -2.45
CA GLU B 70 -17.23 12.98 -1.39
C GLU B 70 -18.62 12.51 -1.15
N PHE B 71 -19.13 12.67 0.08
CA PHE B 71 -20.54 12.31 0.35
C PHE B 71 -20.95 12.98 1.63
N THR B 72 -22.24 13.22 1.73
CA THR B 72 -22.80 13.81 2.90
C THR B 72 -23.80 12.80 3.37
N PRO B 73 -23.38 12.00 4.35
CA PRO B 73 -24.34 11.01 4.80
C PRO B 73 -25.60 11.56 5.42
N THR B 74 -26.59 10.70 5.54
CA THR B 74 -27.87 11.04 6.13
C THR B 74 -28.32 9.77 6.87
N GLU B 75 -29.40 9.89 7.62
CA GLU B 75 -29.90 8.77 8.39
C GLU B 75 -30.53 7.79 7.35
N LYS B 76 -31.18 8.32 6.31
CA LYS B 76 -31.84 7.45 5.35
C LYS B 76 -30.98 6.80 4.28
N ASP B 77 -29.99 7.51 3.74
CA ASP B 77 -29.13 6.98 2.67
C ASP B 77 -28.23 5.82 3.04
N GLU B 78 -28.19 4.83 2.14
CA GLU B 78 -27.37 3.66 2.33
C GLU B 78 -26.25 3.66 1.34
N TYR B 79 -25.04 3.36 1.78
CA TYR B 79 -23.87 3.33 0.90
C TYR B 79 -23.21 1.96 0.95
N ALA B 80 -22.59 1.57 -0.16
CA ALA B 80 -21.91 0.27 -0.30
C ALA B 80 -20.83 0.33 -1.34
N CYS B 81 -19.94 -0.68 -1.31
CA CYS B 81 -18.84 -0.83 -2.27
C CYS B 81 -19.16 -2.16 -2.99
N ARG B 82 -19.10 -2.20 -4.31
CA ARG B 82 -19.38 -3.41 -5.10
C ARG B 82 -18.09 -3.72 -5.81
N VAL B 83 -17.62 -4.95 -5.70
CA VAL B 83 -16.32 -5.29 -6.29
C VAL B 83 -16.43 -6.51 -7.16
N ASN B 84 -15.85 -6.47 -8.35
CA ASN B 84 -15.85 -7.65 -9.21
C ASN B 84 -14.34 -7.88 -9.53
N HIS B 85 -13.94 -9.14 -9.66
CA HIS B 85 -12.57 -9.54 -9.92
C HIS B 85 -12.61 -10.94 -10.44
N VAL B 86 -11.59 -11.33 -11.20
CA VAL B 86 -11.57 -12.69 -11.80
C VAL B 86 -11.80 -13.79 -10.74
N THR B 87 -11.34 -13.58 -9.52
CA THR B 87 -11.52 -14.58 -8.45
C THR B 87 -12.95 -14.70 -7.90
N LEU B 88 -13.85 -13.78 -8.25
CA LEU B 88 -15.23 -13.78 -7.77
C LEU B 88 -16.22 -14.26 -8.83
N SER B 89 -17.08 -15.21 -8.45
CA SER B 89 -18.14 -15.78 -9.31
C SER B 89 -19.17 -14.70 -9.54
N GLN B 90 -19.52 -13.98 -8.47
CA GLN B 90 -20.45 -12.86 -8.54
C GLN B 90 -19.87 -11.66 -7.81
N PRO B 91 -20.28 -10.46 -8.21
CA PRO B 91 -19.78 -9.30 -7.53
C PRO B 91 -20.02 -9.36 -6.01
N LYS B 92 -19.12 -8.80 -5.25
CA LYS B 92 -19.23 -8.76 -3.81
C LYS B 92 -19.61 -7.34 -3.35
N ILE B 93 -20.67 -7.25 -2.54
CA ILE B 93 -21.14 -5.98 -2.01
C ILE B 93 -20.91 -5.91 -0.52
N VAL B 94 -20.23 -4.83 -0.06
CA VAL B 94 -19.95 -4.64 1.37
C VAL B 94 -20.63 -3.34 1.71
N LYS B 95 -21.65 -3.42 2.56
CA LYS B 95 -22.37 -2.21 2.99
C LYS B 95 -21.56 -1.37 3.97
N TRP B 96 -21.67 -0.05 3.85
CA TRP B 96 -21.01 0.85 4.74
C TRP B 96 -21.78 0.82 6.05
N ASP B 97 -21.07 0.61 7.15
CA ASP B 97 -21.65 0.54 8.50
C ASP B 97 -20.80 1.54 9.27
N ARG B 98 -21.38 2.62 9.79
CA ARG B 98 -20.56 3.64 10.49
C ARG B 98 -19.78 3.17 11.74
N ASP B 99 -20.09 1.98 12.22
CA ASP B 99 -19.47 1.38 13.41
C ASP B 99 -18.26 0.54 13.03
N MET B 100 -17.89 0.51 11.76
CA MET B 100 -16.74 -0.27 11.33
C MET B 100 -15.81 0.44 10.31
N ALA C 1 14.90 9.75 -5.62
CA ALA C 1 15.24 9.72 -7.08
C ALA C 1 15.41 8.25 -7.45
N LEU C 2 14.99 7.89 -8.66
CA LEU C 2 15.07 6.51 -9.17
C LEU C 2 16.47 6.07 -9.47
N TRP C 3 16.58 4.75 -9.51
CA TRP C 3 17.82 4.10 -9.88
C TRP C 3 17.99 4.35 -11.40
N GLY C 4 19.22 4.62 -11.83
CA GLY C 4 19.50 4.85 -13.22
C GLY C 4 20.85 4.26 -13.58
N PRO C 5 21.25 4.32 -14.86
CA PRO C 5 20.44 4.94 -15.88
C PRO C 5 19.39 4.11 -16.56
N ASP C 6 19.54 2.78 -16.49
CA ASP C 6 18.65 1.90 -17.22
C ASP C 6 18.72 0.48 -16.65
N PRO C 7 17.63 0.04 -15.98
CA PRO C 7 17.59 -1.28 -15.38
C PRO C 7 17.90 -2.38 -16.39
N ALA C 8 18.78 -3.29 -16.01
CA ALA C 8 19.18 -4.41 -16.83
C ALA C 8 17.99 -5.26 -17.13
N ALA C 9 17.95 -5.75 -18.37
CA ALA C 9 16.86 -6.64 -18.78
C ALA C 9 17.08 -8.03 -18.15
N ALA C 10 15.98 -8.67 -17.90
CA ALA C 10 15.95 -10.03 -17.34
C ALA C 10 16.30 -11.09 -18.39
#